data_1P0U
#
_entry.id   1P0U
#
_entity_poly.entity_id   1
_entity_poly.type   'polydeoxyribonucleotide'
_entity_poly.pdbx_seq_one_letter_code
;(DG)(DC)(DA)(DT)(DC)(DG)(DA)(DC)(DG)(DA)(DT)(DG)(DC)
;
_entity_poly.pdbx_strand_id   A
#
loop_
_chem_comp.id
_chem_comp.type
_chem_comp.name
_chem_comp.formula
DA DNA linking 2'-DEOXYADENOSINE-5'-MONOPHOSPHATE 'C10 H14 N5 O6 P'
DC DNA linking 2'-DEOXYCYTIDINE-5'-MONOPHOSPHATE 'C9 H14 N3 O7 P'
DG DNA linking 2'-DEOXYGUANOSINE-5'-MONOPHOSPHATE 'C10 H14 N5 O7 P'
DT DNA linking THYMIDINE-5'-MONOPHOSPHATE 'C10 H15 N2 O8 P'
#